data_3OLQ
#
_entry.id   3OLQ
#
_cell.length_a   108.655
_cell.length_b   108.655
_cell.length_c   74.327
_cell.angle_alpha   90.00
_cell.angle_beta   90.00
_cell.angle_gamma   90.00
#
_symmetry.space_group_name_H-M   'P 43 21 2'
#
loop_
_entity.id
_entity.type
_entity.pdbx_description
1 polymer 'Universal stress protein E'
2 non-polymer GLYCEROL
3 non-polymer DI(HYDROXYETHYL)ETHER
4 non-polymer 'ACETATE ION'
5 non-polymer 'UNKNOWN LIGAND'
6 water water
#
_entity_poly.entity_id   1
_entity_poly.type   'polypeptide(L)'
_entity_poly.pdbx_seq_one_letter_code
;SNA(MSE)EKYQNLLVVIDPNQDDQPALRRAVYIVQRNGGRIKAFLPVYDLSYD(MSE)TTLLSPDERNA(MSE)RKGVI
NQKTAWIKQQARYYLEAGIQIDIKVIWHNRPYEAIIEEVITDKHDLLIK(MSE)AHQHDKLGSLIFTPLDWQLLRKCPAP
VW(MSE)VKDKEWPEYGTIVVAANLSNEESYHDALNLKLIELTNDLSHRIQKDPDVHLLSAYPVAPINIAIELPDFDPNL
YNNALRGQHLIA(MSE)KELRQKFSIPEEKTHVKEGLPEQVIPQVCEELNAGIVVLGILGRTGLSAAFLGNTAEQLIDHI
KCDLLAIKPDGFTCPITVDSDNE
;
_entity_poly.pdbx_strand_id   A
#
loop_
_chem_comp.id
_chem_comp.type
_chem_comp.name
_chem_comp.formula
ACT non-polymer 'ACETATE ION' 'C2 H3 O2 -1'
GOL non-polymer GLYCEROL 'C3 H8 O3'
PEG non-polymer DI(HYDROXYETHYL)ETHER 'C4 H10 O3'
UNL non-polymer 'UNKNOWN LIGAND' ?
#
# COMPACT_ATOMS: atom_id res chain seq x y z
N GLU A 5 -14.53 -14.52 -9.05
CA GLU A 5 -14.76 -13.10 -8.75
C GLU A 5 -14.05 -12.66 -7.47
N LYS A 6 -12.87 -12.07 -7.63
CA LYS A 6 -12.12 -11.52 -6.50
C LYS A 6 -11.91 -10.03 -6.69
N TYR A 7 -11.59 -9.35 -5.60
CA TYR A 7 -11.33 -7.91 -5.62
C TYR A 7 -12.50 -7.10 -6.19
N GLN A 8 -13.73 -7.50 -5.85
CA GLN A 8 -14.95 -6.87 -6.35
C GLN A 8 -15.41 -5.67 -5.52
N ASN A 9 -14.99 -5.63 -4.26
CA ASN A 9 -15.53 -4.68 -3.31
C ASN A 9 -14.49 -3.64 -2.92
N LEU A 10 -14.39 -2.57 -3.72
CA LEU A 10 -13.30 -1.60 -3.56
C LEU A 10 -13.72 -0.41 -2.70
N LEU A 11 -12.81 0.02 -1.82
CA LEU A 11 -13.01 1.23 -1.04
C LEU A 11 -12.05 2.30 -1.54
N VAL A 12 -12.62 3.43 -1.93
CA VAL A 12 -11.86 4.60 -2.34
C VAL A 12 -11.96 5.67 -1.26
N VAL A 13 -10.82 6.08 -0.74
CA VAL A 13 -10.78 7.18 0.21
C VAL A 13 -10.68 8.48 -0.57
N ILE A 14 -11.76 9.26 -0.56
CA ILE A 14 -11.85 10.52 -1.28
C ILE A 14 -10.95 11.54 -0.60
N ASP A 15 -10.26 12.34 -1.41
CA ASP A 15 -9.45 13.43 -0.89
C ASP A 15 -10.29 14.71 -0.90
N PRO A 16 -10.57 15.27 0.29
CA PRO A 16 -11.48 16.42 0.35
C PRO A 16 -10.84 17.72 -0.13
N ASN A 17 -9.54 17.72 -0.36
CA ASN A 17 -8.82 18.95 -0.63
C ASN A 17 -8.75 19.39 -2.08
N GLN A 18 -9.26 18.56 -2.99
CA GLN A 18 -9.28 18.93 -4.41
C GLN A 18 -10.43 18.21 -5.09
N ASP A 19 -10.81 18.69 -6.28
CA ASP A 19 -11.93 18.10 -7.00
C ASP A 19 -11.57 16.74 -7.62
N ASP A 20 -10.57 16.73 -8.47
CA ASP A 20 -10.18 15.50 -9.16
C ASP A 20 -9.72 14.41 -8.18
N GLN A 21 -10.15 13.18 -8.43
CA GLN A 21 -9.92 12.07 -7.51
C GLN A 21 -9.17 10.92 -8.19
N PRO A 22 -7.83 10.98 -8.21
CA PRO A 22 -7.07 9.91 -8.85
C PRO A 22 -7.36 8.52 -8.26
N ALA A 23 -7.70 8.44 -6.98
CA ALA A 23 -8.06 7.16 -6.37
C ALA A 23 -9.35 6.60 -6.95
N LEU A 24 -10.33 7.47 -7.22
CA LEU A 24 -11.56 7.04 -7.85
C LEU A 24 -11.29 6.57 -9.29
N ARG A 25 -10.49 7.35 -10.02
CA ARG A 25 -10.12 6.99 -11.39
C ARG A 25 -9.44 5.63 -11.47
N ARG A 26 -8.53 5.35 -10.54
CA ARG A 26 -7.86 4.06 -10.54
C ARG A 26 -8.87 2.94 -10.24
N ALA A 27 -9.76 3.17 -9.28
CA ALA A 27 -10.78 2.17 -8.97
C ALA A 27 -11.70 1.88 -10.17
N VAL A 28 -12.07 2.94 -10.89
CA VAL A 28 -12.89 2.79 -12.09
C VAL A 28 -12.14 1.96 -13.14
N TYR A 29 -10.84 2.26 -13.29
CA TYR A 29 -10.02 1.53 -14.23
C TYR A 29 -10.06 0.04 -13.91
N ILE A 30 -9.99 -0.27 -12.62
CA ILE A 30 -9.97 -1.66 -12.18
C ILE A 30 -11.33 -2.33 -12.45
N VAL A 31 -12.40 -1.63 -12.10
CA VAL A 31 -13.75 -2.17 -12.25
C VAL A 31 -14.16 -2.39 -13.71
N GLN A 32 -13.74 -1.49 -14.59
CA GLN A 32 -13.98 -1.65 -16.02
C GLN A 32 -13.40 -2.98 -16.52
N ARG A 33 -12.29 -3.39 -15.93
CA ARG A 33 -11.57 -4.57 -16.42
C ARG A 33 -11.89 -5.84 -15.66
N ASN A 34 -12.32 -5.70 -14.41
CA ASN A 34 -12.48 -6.85 -13.53
C ASN A 34 -13.87 -6.95 -12.90
N GLY A 35 -14.71 -5.95 -13.17
CA GLY A 35 -16.05 -5.90 -12.60
C GLY A 35 -16.06 -5.42 -11.16
N GLY A 36 -17.25 -5.37 -10.57
CA GLY A 36 -17.38 -5.06 -9.16
C GLY A 36 -18.08 -3.76 -8.85
N ARG A 37 -17.69 -3.15 -7.72
CA ARG A 37 -18.32 -1.92 -7.28
C ARG A 37 -17.36 -1.14 -6.39
N ILE A 38 -17.67 0.14 -6.20
CA ILE A 38 -16.77 1.06 -5.53
C ILE A 38 -17.54 1.81 -4.46
N LYS A 39 -16.98 1.90 -3.26
CA LYS A 39 -17.54 2.80 -2.26
C LYS A 39 -16.66 4.04 -2.19
N ALA A 40 -17.22 5.19 -2.56
CA ALA A 40 -16.47 6.44 -2.46
C ALA A 40 -16.74 7.01 -1.07
N PHE A 41 -15.74 6.91 -0.19
CA PHE A 41 -15.95 7.12 1.24
C PHE A 41 -15.25 8.39 1.74
N LEU A 42 -15.94 9.17 2.58
CA LEU A 42 -15.34 10.37 3.14
C LEU A 42 -15.89 10.67 4.53
N PRO A 43 -15.02 10.61 5.56
CA PRO A 43 -15.45 11.04 6.89
C PRO A 43 -15.30 12.55 7.02
N VAL A 44 -16.34 13.22 7.52
CA VAL A 44 -16.33 14.68 7.61
C VAL A 44 -16.74 15.12 9.00
N TYR A 45 -16.51 16.40 9.30
CA TYR A 45 -16.82 16.94 10.62
C TYR A 45 -16.78 18.45 10.51
N ASP A 46 -17.00 19.15 11.62
CA ASP A 46 -16.97 20.61 11.60
C ASP A 46 -16.76 21.06 13.03
N LEU A 47 -15.94 22.09 13.22
CA LEU A 47 -15.65 22.60 14.56
C LEU A 47 -16.92 22.86 15.35
N SER A 48 -17.95 23.36 14.66
CA SER A 48 -19.18 23.75 15.34
C SER A 48 -19.76 22.61 16.18
N TYR A 49 -19.51 21.38 15.77
CA TYR A 49 -20.10 20.23 16.49
C TYR A 49 -19.57 20.08 17.91
N ASP A 50 -18.36 20.60 18.14
CA ASP A 50 -17.73 20.57 19.45
C ASP A 50 -17.97 21.85 20.26
N MSE A 51 -18.71 22.80 19.68
CA MSE A 51 -19.03 24.04 20.40
C MSE A 51 -20.36 23.85 21.16
O MSE A 51 -21.40 24.42 20.80
CB MSE A 51 -19.11 25.22 19.41
CG MSE A 51 -17.82 25.44 18.61
SE MSE A 51 -16.28 25.94 19.74
CE MSE A 51 -16.94 27.65 20.38
N THR A 52 -20.30 23.02 22.20
CA THR A 52 -21.52 22.53 22.83
C THR A 52 -22.16 23.53 23.81
N THR A 53 -21.43 24.58 24.18
CA THR A 53 -22.02 25.64 24.99
C THR A 53 -22.60 26.74 24.10
N LEU A 54 -21.82 27.15 23.10
CA LEU A 54 -22.28 28.20 22.18
C LEU A 54 -23.50 27.78 21.32
N LEU A 55 -23.54 26.52 20.88
CA LEU A 55 -24.63 26.05 20.03
C LEU A 55 -25.42 24.91 20.68
N SER A 56 -26.70 24.83 20.38
CA SER A 56 -27.57 23.78 20.89
C SER A 56 -27.42 22.51 20.06
N PRO A 57 -27.93 21.39 20.57
CA PRO A 57 -27.85 20.16 19.78
C PRO A 57 -28.56 20.30 18.42
N ASP A 58 -29.72 20.96 18.39
CA ASP A 58 -30.42 21.17 17.13
C ASP A 58 -29.61 22.02 16.16
N GLU A 59 -28.94 23.07 16.66
CA GLU A 59 -28.14 23.94 15.81
C GLU A 59 -26.92 23.18 15.27
N ARG A 60 -26.30 22.40 16.13
CA ARG A 60 -25.13 21.63 15.70
C ARG A 60 -25.52 20.55 14.69
N ASN A 61 -26.70 19.96 14.87
CA ASN A 61 -27.16 18.94 13.94
C ASN A 61 -27.57 19.51 12.59
N ALA A 62 -28.08 20.74 12.60
CA ALA A 62 -28.36 21.43 11.36
C ALA A 62 -27.07 21.62 10.55
N MSE A 63 -25.99 22.04 11.21
CA MSE A 63 -24.74 22.23 10.52
C MSE A 63 -24.16 20.90 10.04
O MSE A 63 -23.62 20.81 8.93
CB MSE A 63 -23.73 22.99 11.40
CG MSE A 63 -24.24 24.37 11.76
SE MSE A 63 -22.99 25.44 12.77
CE MSE A 63 -24.17 26.93 13.19
N ARG A 64 -24.29 19.86 10.87
CA ARG A 64 -23.83 18.53 10.50
C ARG A 64 -24.53 18.02 9.24
N LYS A 65 -25.85 18.20 9.18
CA LYS A 65 -26.57 17.69 8.03
C LYS A 65 -26.21 18.50 6.79
N GLY A 66 -25.99 19.81 6.97
CA GLY A 66 -25.58 20.67 5.87
C GLY A 66 -24.27 20.23 5.25
N VAL A 67 -23.30 19.86 6.09
CA VAL A 67 -22.00 19.38 5.61
C VAL A 67 -22.16 18.07 4.87
N ILE A 68 -22.89 17.14 5.44
CA ILE A 68 -23.08 15.86 4.78
C ILE A 68 -23.81 16.02 3.43
N ASN A 69 -24.84 16.85 3.41
CA ASN A 69 -25.56 17.18 2.18
C ASN A 69 -24.60 17.68 1.10
N GLN A 70 -23.78 18.66 1.49
CA GLN A 70 -22.94 19.35 0.52
C GLN A 70 -21.83 18.44 0.00
N LYS A 71 -21.21 17.70 0.91
CA LYS A 71 -20.09 16.84 0.52
C LYS A 71 -20.57 15.67 -0.34
N THR A 72 -21.73 15.12 -0.03
CA THR A 72 -22.28 14.01 -0.80
C THR A 72 -22.54 14.43 -2.24
N ALA A 73 -23.20 15.58 -2.42
CA ALA A 73 -23.44 16.13 -3.76
C ALA A 73 -22.13 16.41 -4.52
N TRP A 74 -21.16 16.96 -3.82
CA TRP A 74 -19.85 17.27 -4.41
C TRP A 74 -19.16 16.00 -4.94
N ILE A 75 -19.19 14.92 -4.16
CA ILE A 75 -18.61 13.68 -4.64
C ILE A 75 -19.34 13.19 -5.89
N LYS A 76 -20.67 13.27 -5.87
CA LYS A 76 -21.45 12.85 -7.04
C LYS A 76 -21.06 13.66 -8.28
N GLN A 77 -20.81 14.95 -8.11
CA GLN A 77 -20.35 15.79 -9.21
C GLN A 77 -19.08 15.25 -9.85
N GLN A 78 -18.12 14.85 -9.01
CA GLN A 78 -16.88 14.28 -9.51
C GLN A 78 -17.07 12.91 -10.15
N ALA A 79 -18.03 12.14 -9.64
CA ALA A 79 -18.28 10.79 -10.13
C ALA A 79 -19.24 10.73 -11.32
N ARG A 80 -19.75 11.89 -11.75
CA ARG A 80 -20.83 11.98 -12.73
C ARG A 80 -20.64 11.12 -13.99
N TYR A 81 -19.48 11.29 -14.63
CA TYR A 81 -19.25 10.62 -15.91
C TYR A 81 -19.12 9.10 -15.74
N TYR A 82 -18.47 8.68 -14.66
CA TYR A 82 -18.34 7.26 -14.34
C TYR A 82 -19.72 6.64 -14.14
N LEU A 83 -20.57 7.33 -13.40
CA LEU A 83 -21.90 6.84 -13.06
C LEU A 83 -22.77 6.62 -14.30
N GLU A 84 -22.79 7.61 -15.18
CA GLU A 84 -23.63 7.50 -16.36
C GLU A 84 -23.03 6.50 -17.34
N ALA A 85 -21.74 6.22 -17.18
CA ALA A 85 -21.09 5.16 -17.95
C ALA A 85 -21.46 3.81 -17.38
N GLY A 86 -22.15 3.81 -16.24
CA GLY A 86 -22.66 2.57 -15.68
C GLY A 86 -21.82 1.91 -14.61
N ILE A 87 -20.80 2.61 -14.11
CA ILE A 87 -20.01 2.07 -13.02
C ILE A 87 -20.79 2.20 -11.71
N GLN A 88 -20.78 1.14 -10.90
CA GLN A 88 -21.46 1.20 -9.62
C GLN A 88 -20.62 1.94 -8.60
N ILE A 89 -21.02 3.16 -8.26
CA ILE A 89 -20.31 3.90 -7.22
C ILE A 89 -21.24 4.31 -6.09
N ASP A 90 -21.03 3.70 -4.93
CA ASP A 90 -21.84 4.03 -3.75
C ASP A 90 -21.15 5.11 -2.94
N ILE A 91 -21.79 6.28 -2.82
CA ILE A 91 -21.18 7.41 -2.11
C ILE A 91 -21.56 7.34 -0.64
N LYS A 92 -20.56 7.28 0.22
CA LYS A 92 -20.81 7.23 1.66
C LYS A 92 -20.04 8.32 2.40
N VAL A 93 -20.77 9.33 2.88
CA VAL A 93 -20.16 10.41 3.65
C VAL A 93 -20.67 10.26 5.07
N ILE A 94 -19.79 10.15 6.06
CA ILE A 94 -20.26 9.99 7.44
C ILE A 94 -19.63 11.00 8.38
N TRP A 95 -20.32 11.28 9.48
CA TRP A 95 -19.83 12.22 10.48
C TRP A 95 -18.83 11.50 11.39
N HIS A 96 -17.59 11.96 11.39
CA HIS A 96 -16.57 11.31 12.22
C HIS A 96 -15.35 12.22 12.35
N ASN A 97 -14.88 12.40 13.57
CA ASN A 97 -13.77 13.31 13.83
C ASN A 97 -12.38 12.65 13.82
N ARG A 98 -12.32 11.35 13.51
CA ARG A 98 -11.02 10.67 13.43
C ARG A 98 -10.96 9.79 12.16
N PRO A 99 -10.60 10.41 11.04
CA PRO A 99 -10.70 9.76 9.73
C PRO A 99 -10.05 8.37 9.65
N TYR A 100 -8.86 8.16 10.19
CA TYR A 100 -8.25 6.84 10.04
C TYR A 100 -9.07 5.73 10.71
N GLU A 101 -9.69 6.07 11.82
CA GLU A 101 -10.54 5.14 12.54
C GLU A 101 -11.81 4.84 11.75
N ALA A 102 -12.45 5.90 11.27
CA ALA A 102 -13.67 5.77 10.45
C ALA A 102 -13.39 4.89 9.23
N ILE A 103 -12.28 5.16 8.55
CA ILE A 103 -11.92 4.44 7.33
C ILE A 103 -11.67 2.95 7.61
N ILE A 104 -10.89 2.66 8.65
CA ILE A 104 -10.57 1.27 8.95
C ILE A 104 -11.81 0.50 9.40
N GLU A 105 -12.67 1.13 10.19
CA GLU A 105 -13.93 0.51 10.59
C GLU A 105 -14.76 0.11 9.37
N GLU A 106 -14.74 0.97 8.35
CA GLU A 106 -15.49 0.73 7.12
C GLU A 106 -14.90 -0.47 6.38
N VAL A 107 -13.58 -0.54 6.31
CA VAL A 107 -12.90 -1.69 5.72
C VAL A 107 -13.26 -2.99 6.43
N ILE A 108 -13.28 -2.96 7.75
CA ILE A 108 -13.57 -4.16 8.55
C ILE A 108 -15.03 -4.59 8.45
N THR A 109 -15.94 -3.62 8.59
CA THR A 109 -17.37 -3.90 8.61
C THR A 109 -17.91 -4.43 7.29
N ASP A 110 -17.44 -3.87 6.17
CA ASP A 110 -17.96 -4.26 4.86
C ASP A 110 -17.03 -5.21 4.10
N LYS A 111 -15.96 -5.63 4.76
CA LYS A 111 -14.98 -6.57 4.22
C LYS A 111 -14.47 -6.16 2.85
N HIS A 112 -13.96 -4.94 2.74
CA HIS A 112 -13.45 -4.45 1.47
C HIS A 112 -12.16 -5.17 1.05
N ASP A 113 -12.03 -5.41 -0.25
CA ASP A 113 -10.92 -6.18 -0.80
C ASP A 113 -9.63 -5.37 -0.93
N LEU A 114 -9.79 -4.08 -1.18
CA LEU A 114 -8.68 -3.16 -1.38
C LEU A 114 -9.12 -1.79 -0.91
N LEU A 115 -8.18 -1.06 -0.32
CA LEU A 115 -8.36 0.34 -0.01
C LEU A 115 -7.50 1.11 -0.98
N ILE A 116 -8.07 2.10 -1.65
CA ILE A 116 -7.33 2.88 -2.65
C ILE A 116 -7.36 4.36 -2.29
N LYS A 117 -6.19 5.00 -2.24
CA LYS A 117 -6.10 6.40 -1.82
C LYS A 117 -4.97 7.08 -2.58
N MSE A 118 -5.19 8.35 -2.96
CA MSE A 118 -4.18 9.10 -3.69
C MSE A 118 -3.09 9.69 -2.79
O MSE A 118 -3.37 10.12 -1.66
CB MSE A 118 -4.85 10.22 -4.52
CG MSE A 118 -3.88 11.10 -5.32
SE MSE A 118 -3.31 12.65 -4.30
CE MSE A 118 -4.99 13.67 -4.35
N ALA A 119 -1.86 9.71 -3.30
CA ALA A 119 -0.76 10.42 -2.67
C ALA A 119 -0.14 11.37 -3.70
N HIS A 120 0.26 12.56 -3.25
CA HIS A 120 0.86 13.53 -4.18
C HIS A 120 2.32 13.21 -4.45
N GLN A 121 2.76 13.51 -5.66
CA GLN A 121 4.18 13.56 -5.95
C GLN A 121 4.42 14.89 -6.67
N HIS A 122 5.21 15.76 -6.08
CA HIS A 122 5.48 17.04 -6.74
C HIS A 122 6.25 16.84 -8.05
N LEU A 125 11.65 16.28 -4.75
CA LEU A 125 12.12 14.97 -4.31
C LEU A 125 11.83 13.88 -5.34
N GLY A 126 10.63 13.89 -5.89
CA GLY A 126 10.19 12.82 -6.78
C GLY A 126 9.49 11.73 -5.98
N SER A 127 9.73 11.70 -4.66
CA SER A 127 9.12 10.66 -3.84
C SER A 127 7.69 11.04 -3.45
N LEU A 128 6.87 10.03 -3.21
CA LEU A 128 5.48 10.26 -2.83
C LEU A 128 5.41 10.99 -1.49
N ILE A 129 4.42 11.87 -1.36
CA ILE A 129 4.19 12.62 -0.12
C ILE A 129 3.09 11.91 0.67
N PHE A 130 3.40 11.53 1.90
CA PHE A 130 2.46 10.82 2.75
C PHE A 130 2.06 11.66 3.93
N THR A 131 0.77 11.87 4.10
CA THR A 131 0.24 12.59 5.24
C THR A 131 0.20 11.69 6.47
N PRO A 132 0.00 12.26 7.66
CA PRO A 132 -0.22 11.47 8.87
C PRO A 132 -1.37 10.47 8.71
N LEU A 133 -2.45 10.86 8.04
CA LEU A 133 -3.52 9.91 7.74
C LEU A 133 -3.00 8.72 6.92
N ASP A 134 -2.25 8.99 5.85
CA ASP A 134 -1.68 7.92 5.03
C ASP A 134 -0.86 6.94 5.88
N TRP A 135 -0.02 7.49 6.76
CA TRP A 135 0.80 6.64 7.62
C TRP A 135 -0.05 5.77 8.56
N GLN A 136 -1.12 6.33 9.10
CA GLN A 136 -2.01 5.55 9.96
C GLN A 136 -2.63 4.37 9.19
N LEU A 137 -3.08 4.63 7.97
CA LEU A 137 -3.69 3.59 7.14
C LEU A 137 -2.65 2.52 6.79
N LEU A 138 -1.47 2.95 6.34
CA LEU A 138 -0.40 2.02 6.02
C LEU A 138 -0.07 1.10 7.20
N ARG A 139 0.02 1.67 8.41
CA ARG A 139 0.34 0.88 9.59
C ARG A 139 -0.78 0.00 10.12
N LYS A 140 -2.04 0.45 9.99
CA LYS A 140 -3.14 -0.17 10.74
C LYS A 140 -4.25 -0.82 9.92
N CYS A 141 -4.39 -0.46 8.65
CA CYS A 141 -5.46 -1.04 7.83
C CYS A 141 -5.17 -2.51 7.55
N PRO A 142 -6.14 -3.41 7.83
CA PRO A 142 -5.87 -4.84 7.65
C PRO A 142 -5.88 -5.27 6.19
N ALA A 143 -6.63 -4.55 5.36
CA ALA A 143 -6.72 -4.86 3.93
C ALA A 143 -5.56 -4.25 3.17
N PRO A 144 -5.28 -4.77 1.97
CA PRO A 144 -4.22 -4.15 1.15
C PRO A 144 -4.49 -2.66 0.92
N VAL A 145 -3.44 -1.85 1.02
CA VAL A 145 -3.57 -0.41 0.81
C VAL A 145 -2.80 -0.02 -0.44
N TRP A 146 -3.50 0.55 -1.41
CA TRP A 146 -2.90 0.98 -2.68
C TRP A 146 -2.81 2.50 -2.71
N MSE A 147 -1.59 3.02 -2.56
CA MSE A 147 -1.34 4.45 -2.65
C MSE A 147 -1.07 4.77 -4.10
O MSE A 147 -0.09 4.28 -4.70
CB MSE A 147 -0.15 4.85 -1.76
CG MSE A 147 -0.31 4.46 -0.27
SE MSE A 147 -1.86 5.29 0.59
CE MSE A 147 -1.54 7.10 0.10
N VAL A 148 -1.95 5.57 -4.69
CA VAL A 148 -1.94 5.89 -6.10
C VAL A 148 -1.29 7.25 -6.28
N LYS A 149 -0.13 7.32 -6.92
CA LYS A 149 0.46 8.64 -7.14
C LYS A 149 -0.35 9.44 -8.17
N ASP A 150 -0.43 10.75 -7.96
CA ASP A 150 -1.28 11.61 -8.79
C ASP A 150 -0.62 11.98 -10.12
N LYS A 151 0.06 11.01 -10.72
CA LYS A 151 0.74 11.20 -11.99
C LYS A 151 0.39 10.05 -12.93
N GLU A 152 0.58 10.27 -14.23
CA GLU A 152 0.31 9.24 -15.21
C GLU A 152 1.08 7.95 -14.91
N TRP A 153 0.42 6.82 -15.12
CA TRP A 153 1.06 5.51 -15.00
C TRP A 153 2.07 5.35 -16.13
N PRO A 154 3.31 4.97 -15.80
CA PRO A 154 4.34 4.90 -16.85
C PRO A 154 3.99 3.90 -17.93
N GLU A 155 4.19 4.26 -19.19
CA GLU A 155 3.98 3.33 -20.28
C GLU A 155 4.93 2.14 -20.13
N TYR A 156 4.39 0.94 -20.31
CA TYR A 156 5.14 -0.30 -20.12
C TYR A 156 5.68 -0.43 -18.68
N GLY A 157 5.03 0.25 -17.75
CA GLY A 157 5.45 0.21 -16.35
C GLY A 157 5.44 -1.21 -15.81
N THR A 158 6.45 -1.56 -15.03
CA THR A 158 6.53 -2.91 -14.46
C THR A 158 5.86 -2.97 -13.08
N ILE A 159 5.68 -4.20 -12.61
CA ILE A 159 5.12 -4.46 -11.29
C ILE A 159 6.20 -5.17 -10.47
N VAL A 160 6.70 -4.50 -9.44
CA VAL A 160 7.83 -5.06 -8.68
C VAL A 160 7.40 -5.51 -7.29
N VAL A 161 7.60 -6.79 -6.99
CA VAL A 161 7.35 -7.31 -5.65
C VAL A 161 8.65 -7.33 -4.87
N ALA A 162 8.66 -6.63 -3.73
CA ALA A 162 9.82 -6.63 -2.85
C ALA A 162 9.66 -7.70 -1.77
N ALA A 163 10.45 -8.76 -1.85
CA ALA A 163 10.38 -9.88 -0.91
C ALA A 163 11.42 -9.73 0.19
N ASN A 164 11.07 -10.18 1.40
CA ASN A 164 12.03 -10.20 2.48
C ASN A 164 12.66 -11.58 2.53
N LEU A 165 13.90 -11.69 2.06
CA LEU A 165 14.60 -12.96 1.98
C LEU A 165 15.72 -13.04 3.02
N SER A 166 15.83 -12.00 3.85
CA SER A 166 16.88 -11.97 4.87
C SER A 166 16.42 -12.55 6.21
N ASN A 167 15.29 -12.07 6.74
CA ASN A 167 14.89 -12.46 8.10
C ASN A 167 14.59 -13.96 8.24
N GLU A 168 14.97 -14.49 9.40
CA GLU A 168 14.99 -15.93 9.59
C GLU A 168 13.67 -16.53 10.08
N GLU A 169 12.74 -15.69 10.54
CA GLU A 169 11.47 -16.21 11.07
C GLU A 169 10.59 -16.75 9.94
N SER A 170 9.85 -17.82 10.21
CA SER A 170 9.10 -18.52 9.17
C SER A 170 7.95 -17.70 8.59
N TYR A 171 7.44 -16.75 9.37
CA TYR A 171 6.32 -15.95 8.89
C TYR A 171 6.67 -15.07 7.69
N HIS A 172 7.95 -14.80 7.48
CA HIS A 172 8.35 -14.00 6.32
C HIS A 172 8.08 -14.71 5.01
N ASP A 173 8.35 -16.01 4.98
CA ASP A 173 8.11 -16.76 3.77
C ASP A 173 6.63 -16.78 3.41
N ALA A 174 5.76 -16.99 4.41
CA ALA A 174 4.33 -16.97 4.17
C ALA A 174 3.88 -15.64 3.57
N LEU A 175 4.38 -14.53 4.12
CA LEU A 175 4.00 -13.22 3.61
C LEU A 175 4.49 -13.04 2.17
N ASN A 176 5.73 -13.46 1.89
CA ASN A 176 6.26 -13.37 0.54
C ASN A 176 5.33 -14.10 -0.43
N LEU A 177 4.88 -15.30 -0.04
CA LEU A 177 3.99 -16.05 -0.92
C LEU A 177 2.69 -15.30 -1.15
N LYS A 178 2.14 -14.73 -0.08
CA LYS A 178 0.90 -13.96 -0.18
C LYS A 178 1.06 -12.76 -1.11
N LEU A 179 2.19 -12.07 -1.02
CA LEU A 179 2.47 -10.91 -1.89
C LEU A 179 2.39 -11.29 -3.37
N ILE A 180 3.07 -12.38 -3.72
CA ILE A 180 3.21 -12.74 -5.13
C ILE A 180 1.94 -13.39 -5.66
N GLU A 181 1.30 -14.22 -4.85
CA GLU A 181 0.02 -14.79 -5.25
C GLU A 181 -0.97 -13.67 -5.58
N LEU A 182 -1.05 -12.67 -4.72
CA LEU A 182 -1.99 -11.57 -4.94
C LEU A 182 -1.59 -10.75 -6.16
N THR A 183 -0.29 -10.47 -6.29
CA THR A 183 0.22 -9.69 -7.39
C THR A 183 -0.08 -10.37 -8.72
N ASN A 184 0.19 -11.66 -8.80
CA ASN A 184 -0.08 -12.40 -10.05
C ASN A 184 -1.56 -12.40 -10.39
N ASP A 185 -2.39 -12.62 -9.39
CA ASP A 185 -3.84 -12.70 -9.57
C ASP A 185 -4.41 -11.35 -9.99
N LEU A 186 -4.21 -10.34 -9.16
CA LEU A 186 -4.74 -9.01 -9.42
C LEU A 186 -4.20 -8.44 -10.72
N SER A 187 -2.90 -8.60 -10.98
CA SER A 187 -2.30 -7.98 -12.16
C SER A 187 -2.85 -8.57 -13.45
N HIS A 188 -3.13 -9.86 -13.45
CA HIS A 188 -3.67 -10.50 -14.65
C HIS A 188 -5.14 -10.18 -14.87
N ARG A 189 -5.83 -9.76 -13.81
CA ARG A 189 -7.23 -9.34 -13.94
C ARG A 189 -7.33 -7.93 -14.54
N ILE A 190 -6.26 -7.15 -14.39
CA ILE A 190 -6.29 -5.74 -14.77
C ILE A 190 -5.56 -5.49 -16.09
N GLN A 191 -4.44 -6.17 -16.29
CA GLN A 191 -3.60 -5.95 -17.45
C GLN A 191 -3.60 -7.16 -18.38
N LYS A 192 -3.49 -6.91 -19.68
CA LYS A 192 -3.44 -7.99 -20.65
C LYS A 192 -2.18 -8.82 -20.49
N ASP A 193 -1.04 -8.17 -20.28
CA ASP A 193 0.22 -8.87 -20.13
C ASP A 193 1.11 -8.21 -19.08
N PRO A 194 0.81 -8.46 -17.79
CA PRO A 194 1.52 -7.82 -16.69
C PRO A 194 3.01 -8.18 -16.72
N ASP A 195 3.88 -7.23 -16.39
CA ASP A 195 5.31 -7.45 -16.42
C ASP A 195 5.80 -7.49 -14.98
N VAL A 196 5.76 -8.67 -14.38
CA VAL A 196 6.03 -8.81 -12.94
C VAL A 196 7.51 -9.17 -12.67
N HIS A 197 8.14 -8.42 -11.77
CA HIS A 197 9.52 -8.67 -11.36
C HIS A 197 9.57 -8.96 -9.87
N LEU A 198 10.58 -9.72 -9.43
CA LEU A 198 10.81 -9.96 -8.01
C LEU A 198 12.14 -9.34 -7.60
N LEU A 199 12.16 -8.71 -6.43
CA LEU A 199 13.33 -7.93 -5.98
C LEU A 199 13.59 -8.18 -4.49
N SER A 200 14.84 -8.44 -4.13
CA SER A 200 15.24 -8.45 -2.72
C SER A 200 16.51 -7.62 -2.57
N ALA A 201 16.80 -7.19 -1.35
CA ALA A 201 18.02 -6.42 -1.09
C ALA A 201 18.57 -6.86 0.26
N TYR A 202 19.90 -7.02 0.32
CA TYR A 202 20.54 -7.37 1.58
C TYR A 202 21.72 -6.43 1.82
N PRO A 203 21.87 -5.95 3.06
CA PRO A 203 22.98 -5.07 3.44
C PRO A 203 24.20 -5.89 3.84
N VAL A 204 25.39 -5.29 3.82
CA VAL A 204 26.61 -6.03 4.17
C VAL A 204 27.04 -5.83 5.64
N ALA A 205 27.99 -6.64 6.10
CA ALA A 205 28.52 -6.51 7.46
C ALA A 205 29.15 -5.13 7.65
N PRO A 206 28.95 -4.53 8.82
CA PRO A 206 29.50 -3.20 9.11
C PRO A 206 30.94 -3.22 9.64
N ILE A 207 31.61 -4.36 9.60
CA ILE A 207 33.00 -4.45 10.07
C ILE A 207 33.87 -5.23 9.10
N ASN A 208 35.19 -5.12 9.26
CA ASN A 208 36.15 -5.81 8.42
C ASN A 208 36.77 -7.00 9.13
N ILE A 209 36.79 -6.94 10.46
CA ILE A 209 37.47 -7.95 11.26
C ILE A 209 36.89 -7.81 12.67
N ALA A 210 36.91 -8.90 13.45
CA ALA A 210 36.39 -8.90 14.82
C ALA A 210 37.54 -9.05 15.80
N ILE A 211 37.71 -8.06 16.69
CA ILE A 211 38.88 -8.06 17.55
C ILE A 211 38.87 -9.24 18.54
N GLU A 212 37.68 -9.73 18.89
CA GLU A 212 37.59 -10.86 19.82
C GLU A 212 37.62 -12.23 19.12
N LEU A 213 37.56 -12.26 17.79
CA LEU A 213 37.29 -13.49 17.03
C LEU A 213 38.25 -13.65 15.86
N PRO A 214 39.49 -14.07 16.16
CA PRO A 214 40.60 -14.14 15.20
C PRO A 214 40.25 -14.92 13.93
N ASP A 215 39.42 -15.94 14.06
CA ASP A 215 39.11 -16.81 12.92
C ASP A 215 37.88 -16.36 12.12
N PHE A 216 37.20 -15.30 12.57
CA PHE A 216 35.99 -14.87 11.88
C PHE A 216 36.32 -14.02 10.66
N ASP A 217 35.62 -14.26 9.55
CA ASP A 217 35.73 -13.40 8.36
C ASP A 217 34.35 -12.88 7.96
N PRO A 218 34.09 -11.58 8.23
CA PRO A 218 32.80 -10.95 7.96
C PRO A 218 32.38 -11.05 6.50
N ASN A 219 33.36 -11.14 5.59
CA ASN A 219 33.06 -11.26 4.16
C ASN A 219 32.31 -12.55 3.86
N LEU A 220 32.57 -13.59 4.65
CA LEU A 220 31.87 -14.86 4.46
C LEU A 220 30.39 -14.72 4.86
N TYR A 221 30.11 -13.86 5.84
CA TYR A 221 28.73 -13.56 6.20
C TYR A 221 28.03 -12.89 5.02
N ASN A 222 28.68 -11.90 4.41
CA ASN A 222 28.10 -11.27 3.24
C ASN A 222 27.75 -12.28 2.16
N ASN A 223 28.69 -13.17 1.86
CA ASN A 223 28.49 -14.18 0.82
C ASN A 223 27.33 -15.12 1.19
N ALA A 224 27.21 -15.44 2.47
CA ALA A 224 26.18 -16.35 2.95
C ALA A 224 24.79 -15.72 2.85
N LEU A 225 24.69 -14.45 3.22
CA LEU A 225 23.41 -13.75 3.12
C LEU A 225 22.97 -13.66 1.66
N ARG A 226 23.90 -13.33 0.76
CA ARG A 226 23.60 -13.35 -0.66
C ARG A 226 23.17 -14.74 -1.10
N GLY A 227 23.89 -15.75 -0.63
CA GLY A 227 23.58 -17.12 -1.00
C GLY A 227 22.19 -17.54 -0.56
N GLN A 228 21.81 -17.11 0.64
CA GLN A 228 20.49 -17.39 1.18
C GLN A 228 19.44 -16.75 0.29
N HIS A 229 19.68 -15.51 -0.15
CA HIS A 229 18.73 -14.82 -1.04
C HIS A 229 18.60 -15.56 -2.36
N LEU A 230 19.74 -15.99 -2.91
CA LEU A 230 19.72 -16.64 -4.23
C LEU A 230 18.87 -17.90 -4.20
N ILE A 231 19.05 -18.71 -3.15
CA ILE A 231 18.29 -19.95 -3.01
C ILE A 231 16.79 -19.66 -2.84
N ALA A 232 16.45 -18.72 -1.96
CA ALA A 232 15.05 -18.37 -1.74
C ALA A 232 14.40 -17.73 -2.96
N MSE A 233 15.15 -16.87 -3.65
CA MSE A 233 14.61 -16.22 -4.85
C MSE A 233 14.29 -17.24 -5.94
O MSE A 233 13.24 -17.16 -6.58
CB MSE A 233 15.59 -15.15 -5.36
CG MSE A 233 15.10 -14.40 -6.57
SE MSE A 233 13.51 -13.36 -6.13
CE MSE A 233 14.35 -11.74 -5.43
N LYS A 234 15.19 -18.21 -6.15
CA LYS A 234 14.91 -19.27 -7.13
C LYS A 234 13.65 -20.04 -6.76
N GLU A 235 13.49 -20.36 -5.48
CA GLU A 235 12.30 -21.07 -5.05
C GLU A 235 11.02 -20.28 -5.37
N LEU A 236 11.05 -18.97 -5.11
CA LEU A 236 9.89 -18.11 -5.41
C LEU A 236 9.58 -18.03 -6.90
N ARG A 237 10.61 -17.83 -7.71
CA ARG A 237 10.38 -17.63 -9.14
C ARG A 237 9.81 -18.90 -9.77
N GLN A 238 10.23 -20.06 -9.27
CA GLN A 238 9.74 -21.31 -9.84
C GLN A 238 8.29 -21.58 -9.43
N LYS A 239 7.96 -21.25 -8.19
CA LYS A 239 6.59 -21.43 -7.72
C LYS A 239 5.61 -20.51 -8.45
N PHE A 240 6.06 -19.33 -8.83
CA PHE A 240 5.17 -18.34 -9.42
C PHE A 240 5.44 -18.07 -10.89
N SER A 241 6.19 -18.97 -11.52
CA SER A 241 6.52 -18.89 -12.93
C SER A 241 6.99 -17.49 -13.39
N ILE A 242 7.99 -16.97 -12.68
CA ILE A 242 8.65 -15.73 -13.06
C ILE A 242 10.05 -16.07 -13.60
N PRO A 243 10.38 -15.56 -14.80
CA PRO A 243 11.67 -15.86 -15.43
C PRO A 243 12.85 -15.30 -14.63
N GLU A 244 13.96 -16.03 -14.64
CA GLU A 244 15.13 -15.65 -13.85
C GLU A 244 15.59 -14.22 -14.15
N GLU A 245 15.46 -13.77 -15.40
CA GLU A 245 15.93 -12.44 -15.76
C GLU A 245 15.05 -11.33 -15.16
N LYS A 246 13.88 -11.70 -14.64
CA LYS A 246 13.00 -10.74 -13.97
C LYS A 246 13.09 -10.86 -12.45
N THR A 247 14.14 -11.53 -11.97
CA THR A 247 14.40 -11.60 -10.52
C THR A 247 15.70 -10.88 -10.24
N HIS A 248 15.78 -10.21 -9.10
CA HIS A 248 16.92 -9.33 -8.84
C HIS A 248 17.29 -9.40 -7.38
N VAL A 249 18.52 -9.84 -7.11
CA VAL A 249 19.01 -9.87 -5.74
C VAL A 249 20.12 -8.83 -5.65
N LYS A 250 19.91 -7.80 -4.84
CA LYS A 250 20.74 -6.61 -4.87
C LYS A 250 21.37 -6.35 -3.51
N GLU A 251 22.64 -5.94 -3.52
CA GLU A 251 23.35 -5.62 -2.28
C GLU A 251 23.15 -4.15 -1.90
N GLY A 252 22.84 -3.91 -0.63
CA GLY A 252 22.70 -2.55 -0.11
C GLY A 252 21.57 -2.42 0.89
N LEU A 253 21.42 -1.24 1.48
CA LEU A 253 20.31 -0.99 2.41
C LEU A 253 18.99 -0.98 1.65
N PRO A 254 18.04 -1.82 2.09
CA PRO A 254 16.76 -1.95 1.37
C PRO A 254 16.06 -0.61 1.17
N GLU A 255 16.11 0.28 2.16
CA GLU A 255 15.38 1.55 2.03
C GLU A 255 15.98 2.47 0.97
N GLN A 256 17.23 2.19 0.58
CA GLN A 256 17.85 2.91 -0.53
C GLN A 256 17.75 2.12 -1.82
N VAL A 257 18.13 0.85 -1.75
CA VAL A 257 18.18 -0.01 -2.93
C VAL A 257 16.82 -0.22 -3.60
N ILE A 258 15.79 -0.53 -2.83
CA ILE A 258 14.50 -0.88 -3.42
C ILE A 258 13.88 0.28 -4.23
N PRO A 259 13.81 1.50 -3.64
CA PRO A 259 13.31 2.63 -4.42
C PRO A 259 14.14 2.90 -5.67
N GLN A 260 15.46 2.76 -5.57
CA GLN A 260 16.35 3.01 -6.70
C GLN A 260 16.14 2.00 -7.83
N VAL A 261 16.05 0.72 -7.47
CA VAL A 261 15.89 -0.32 -8.47
C VAL A 261 14.49 -0.26 -9.10
N CYS A 262 13.48 0.09 -8.32
CA CYS A 262 12.15 0.30 -8.90
C CYS A 262 12.21 1.36 -10.00
N GLU A 263 12.95 2.44 -9.74
CA GLU A 263 13.14 3.48 -10.76
C GLU A 263 13.83 2.92 -12.00
N GLU A 264 14.92 2.18 -11.78
CA GLU A 264 15.69 1.55 -12.87
C GLU A 264 14.85 0.58 -13.70
N LEU A 265 13.92 -0.12 -13.05
CA LEU A 265 13.07 -1.11 -13.71
C LEU A 265 11.80 -0.48 -14.29
N ASN A 266 11.67 0.84 -14.19
CA ASN A 266 10.49 1.53 -14.69
C ASN A 266 9.20 0.99 -14.07
N ALA A 267 9.22 0.82 -12.74
CA ALA A 267 8.06 0.28 -12.04
C ALA A 267 6.89 1.25 -12.04
N GLY A 268 5.69 0.74 -12.33
CA GLY A 268 4.47 1.50 -12.09
C GLY A 268 4.09 1.39 -10.63
N ILE A 269 4.47 0.27 -9.99
CA ILE A 269 4.07 0.00 -8.61
C ILE A 269 5.07 -0.94 -7.95
N VAL A 270 5.23 -0.80 -6.63
CA VAL A 270 5.97 -1.76 -5.83
C VAL A 270 5.03 -2.39 -4.82
N VAL A 271 5.13 -3.70 -4.66
CA VAL A 271 4.30 -4.44 -3.72
C VAL A 271 5.19 -4.87 -2.55
N LEU A 272 4.75 -4.56 -1.34
CA LEU A 272 5.57 -4.71 -0.15
C LEU A 272 4.77 -5.32 1.00
N GLY A 273 5.40 -6.17 1.80
CA GLY A 273 4.75 -6.69 2.98
C GLY A 273 5.06 -5.82 4.19
N ILE A 274 4.04 -5.50 4.98
N ILE A 274 4.04 -5.52 4.97
CA ILE A 274 4.27 -4.79 6.23
CA ILE A 274 4.20 -4.78 6.21
C ILE A 274 3.58 -5.51 7.38
C ILE A 274 3.59 -5.57 7.37
N LEU A 275 4.24 -5.52 8.52
CA LEU A 275 3.75 -6.26 9.68
C LEU A 275 3.07 -5.36 10.70
N GLY A 276 2.28 -5.97 11.58
CA GLY A 276 1.72 -5.28 12.72
C GLY A 276 2.55 -5.54 13.96
N ARG A 277 2.99 -6.78 14.11
CA ARG A 277 3.80 -7.18 15.25
C ARG A 277 5.03 -6.30 15.37
N THR A 278 5.58 -6.18 16.58
CA THR A 278 6.68 -5.27 16.82
C THR A 278 7.84 -5.86 17.63
N GLY A 279 7.73 -7.14 18.00
CA GLY A 279 8.76 -7.79 18.78
C GLY A 279 9.93 -8.34 17.97
N LEU A 280 11.08 -8.51 18.64
CA LEU A 280 12.26 -9.11 18.01
C LEU A 280 12.61 -8.50 16.65
N SER A 281 12.73 -9.34 15.62
CA SER A 281 13.18 -8.87 14.29
C SER A 281 12.18 -7.94 13.63
N ALA A 282 10.95 -7.91 14.15
CA ALA A 282 9.92 -7.07 13.54
C ALA A 282 10.21 -5.58 13.73
N ALA A 283 10.91 -5.23 14.81
CA ALA A 283 11.13 -3.82 15.13
C ALA A 283 12.01 -3.12 14.09
N PHE A 284 13.17 -3.70 13.81
CA PHE A 284 14.06 -3.13 12.80
C PHE A 284 13.45 -3.27 11.41
N LEU A 285 12.67 -4.33 11.21
CA LEU A 285 12.02 -4.53 9.92
C LEU A 285 11.01 -3.42 9.65
N GLY A 286 10.23 -3.07 10.67
CA GLY A 286 9.24 -2.00 10.56
C GLY A 286 9.88 -0.64 10.31
N ASN A 287 10.99 -0.40 11.00
CA ASN A 287 11.78 0.81 10.77
C ASN A 287 12.29 0.91 9.33
N THR A 288 12.89 -0.17 8.84
CA THR A 288 13.36 -0.23 7.46
C THR A 288 12.23 -0.01 6.47
N ALA A 289 11.09 -0.65 6.73
CA ALA A 289 9.94 -0.55 5.84
C ALA A 289 9.43 0.88 5.74
N GLU A 290 9.36 1.57 6.87
CA GLU A 290 8.86 2.95 6.84
C GLU A 290 9.78 3.86 6.04
N GLN A 291 11.08 3.71 6.24
CA GLN A 291 12.03 4.53 5.48
C GLN A 291 11.97 4.21 4.00
N LEU A 292 11.74 2.94 3.68
CA LEU A 292 11.64 2.52 2.28
C LEU A 292 10.44 3.21 1.63
N ILE A 293 9.29 3.05 2.26
CA ILE A 293 8.03 3.64 1.78
C ILE A 293 8.18 5.15 1.64
N ASP A 294 8.85 5.76 2.62
CA ASP A 294 8.98 7.21 2.64
C ASP A 294 9.82 7.73 1.47
N HIS A 295 10.49 6.85 0.75
CA HIS A 295 11.34 7.24 -0.36
C HIS A 295 10.94 6.65 -1.71
N ILE A 296 9.79 5.98 -1.75
CA ILE A 296 9.28 5.40 -2.99
C ILE A 296 8.83 6.48 -3.97
N LYS A 297 9.00 6.23 -5.27
CA LYS A 297 8.69 7.20 -6.30
C LYS A 297 7.66 6.67 -7.30
N CYS A 298 7.01 5.58 -6.94
CA CYS A 298 5.93 5.02 -7.75
C CYS A 298 4.78 4.62 -6.83
N ASP A 299 3.69 4.08 -7.39
CA ASP A 299 2.61 3.54 -6.57
C ASP A 299 3.13 2.54 -5.54
N LEU A 300 2.42 2.41 -4.44
CA LEU A 300 2.75 1.42 -3.42
C LEU A 300 1.52 0.57 -3.14
N LEU A 301 1.68 -0.75 -3.12
CA LEU A 301 0.64 -1.64 -2.65
C LEU A 301 1.19 -2.36 -1.42
N ALA A 302 0.68 -1.97 -0.25
CA ALA A 302 1.16 -2.53 1.03
C ALA A 302 0.20 -3.61 1.54
N ILE A 303 0.73 -4.79 1.85
CA ILE A 303 -0.10 -5.92 2.22
C ILE A 303 0.33 -6.45 3.58
N LYS A 304 -0.65 -6.78 4.42
CA LYS A 304 -0.39 -7.33 5.76
C LYS A 304 -0.47 -8.85 5.74
N PRO A 305 0.15 -9.50 6.75
CA PRO A 305 0.06 -10.96 6.86
C PRO A 305 -1.35 -11.43 7.19
N ASP A 306 -1.66 -12.66 6.81
CA ASP A 306 -2.86 -13.30 7.31
C ASP A 306 -2.70 -13.38 8.82
N GLY A 307 -3.75 -13.04 9.55
CA GLY A 307 -3.68 -13.07 11.00
C GLY A 307 -3.09 -11.79 11.56
N PHE A 308 -3.05 -10.76 10.72
CA PHE A 308 -2.73 -9.42 11.18
C PHE A 308 -3.81 -9.04 12.18
N THR A 309 -3.40 -8.60 13.36
CA THR A 309 -4.37 -8.17 14.34
C THR A 309 -4.51 -6.65 14.30
N CYS A 310 -5.65 -6.18 13.84
CA CYS A 310 -5.89 -4.75 13.73
C CYS A 310 -6.10 -4.10 15.10
N PRO A 311 -5.34 -3.03 15.38
CA PRO A 311 -5.46 -2.27 16.64
C PRO A 311 -6.90 -1.82 16.89
N ILE A 312 -7.65 -1.58 15.81
CA ILE A 312 -9.04 -1.13 15.90
C ILE A 312 -10.03 -2.30 15.92
C1 GOL B . -26.45 30.26 23.78
O1 GOL B . -27.48 30.87 23.03
C2 GOL B . -25.13 30.98 23.57
O2 GOL B . -25.36 32.37 23.45
C3 GOL B . -24.29 30.70 24.82
O3 GOL B . -22.92 30.91 24.55
C1 GOL C . 10.81 -6.23 2.52
O1 GOL C . 9.83 -6.11 3.53
C2 GOL C . 11.77 -5.05 2.60
O2 GOL C . 11.56 -4.36 3.82
C3 GOL C . 13.20 -5.58 2.55
O3 GOL C . 13.37 -6.52 3.59
C1 PEG D . 19.96 -8.01 -11.49
O1 PEG D . 19.63 -9.37 -11.62
C2 PEG D . 19.53 -7.24 -12.76
O2 PEG D . 19.83 -5.88 -12.60
C3 PEG D . 18.97 -4.88 -13.12
C4 PEG D . 18.31 -4.07 -11.97
O4 PEG D . 18.35 -2.69 -12.22
C ACT E . 32.94 -2.24 5.85
O ACT E . 33.31 -2.13 7.04
OXT ACT E . 33.85 -2.33 4.99
CH3 ACT E . 31.47 -2.26 5.49
CN5 UNL F . -8.07 9.17 -19.13
ON5 UNL F . -8.18 10.08 -18.02
PN UNL F . -9.52 11.12 -17.95
ON1 UNL F . -9.57 11.89 -16.47
ON2 UNL F . -9.34 12.13 -19.00
O3 UNL F . -10.92 10.28 -18.23
P UNL F . -11.72 9.46 -17.03
O1 UNL F . -10.67 8.98 -15.85
O2 UNL F . -12.42 8.30 -17.59
O5' UNL F . -12.88 10.46 -16.35
C5' UNL F . -14.10 10.68 -17.08
C4' UNL F . -14.54 12.15 -16.81
O4' UNL F . -14.88 12.34 -15.38
C1' UNL F . -14.29 13.67 -15.09
C2' UNL F . -12.92 13.58 -15.79
O2' UNL F . -12.31 14.85 -15.88
C3' UNL F . -13.37 13.09 -17.13
O3' UNL F . -13.83 14.18 -17.91
N9 UNL F . -14.11 13.91 -13.64
C8 UNL F . -14.66 15.09 -12.86
N7 UNL F . -14.21 14.92 -11.43
C5 UNL F . -13.43 13.65 -11.33
C6 UNL F . -12.73 12.96 -10.14
N6 UNL F . -12.80 13.59 -8.82
C4 UNL F . -13.36 13.03 -12.71
N3 UNL F . -12.63 11.74 -12.93
C2 UNL F . -11.94 11.06 -11.75
N1 UNL F . -12.00 11.71 -10.34
C23 UNL F . -5.75 10.02 -19.66
O24 UNL F . -5.23 9.94 -20.96
C24 UNL F . -6.59 8.75 -19.35
C25 UNL F . -6.01 7.97 -18.13
O22 UNL F . -4.65 7.68 -18.36
C19 UNL F . -6.83 6.68 -17.79
C22 UNL F . -6.23 5.93 -16.50
C18 UNL F . -8.36 7.09 -17.58
C20 UNL F . -8.93 7.93 -18.78
C17 UNL F . -9.35 5.88 -17.49
O18 UNL F . -9.90 5.76 -16.19
O19 UNL F . -8.80 4.68 -17.95
O23 UNL F . -5.51 6.78 -15.65
O27 UNL F . -5.45 4.74 -16.79
O28 UNL F . -3.23 5.24 -17.24
C27 UNL F . -0.80 -5.79 -8.40
C28 UNL F . -1.34 -4.67 -8.87
C29 UNL F . -0.79 -4.02 -10.16
C30 UNL F . -1.89 -3.90 -11.24
C31 UNL F . -1.70 -3.09 -12.30
C32 UNL F . -2.52 -1.79 -12.40
C33 UNL F . -2.21 -0.98 -13.70
C34 UNL F . -2.75 0.26 -13.85
C35 UNL F . -2.50 1.11 -15.13
C36 UNL F . -3.36 2.42 -15.12
C37 UNL F . -3.68 3.08 -16.25
C38 UNL F . -4.08 4.58 -16.32
#